data_7OAS
#
_entry.id   7OAS
#
_cell.length_a   58.295
_cell.length_b   58.295
_cell.length_c   142.851
_cell.angle_alpha   90.000
_cell.angle_beta   90.000
_cell.angle_gamma   90.000
#
_symmetry.space_group_name_H-M   'P 41 21 2'
#
loop_
_entity.id
_entity.type
_entity.pdbx_description
1 polymer 'S-adenosyl-L-methionine-dependent methyltransferases superfamily protein'
2 non-polymer S-ADENOSYL-L-HOMOCYSTEINE
3 non-polymer 1,2-ETHANEDIOL
4 water water
#
_entity_poly.entity_id   1
_entity_poly.type   'polypeptide(L)'
_entity_poly.pdbx_seq_one_letter_code
;GSPSTCTVTIEVLGHELDFAQDPNSKHLGTTVWDASMVFAKYLGKNSRKGRFSSSKLKGKRAIELGAGCGVAGFALAMLG
CDVVTTDQKEVLPLLKRNVEWNTSRIVQMNPGSAFGSLRVAELDWGNEDHITAVEPPFDYVIGTDVVYSEQLLEPLLRTI
LALSGPKTTVMLGYEIRSTVVHEKMLQMWKDNFEVKTIPRSKMDGEYQDPSIHLYIMAQKSAAESSAAA
;
_entity_poly.pdbx_strand_id   A
#
loop_
_chem_comp.id
_chem_comp.type
_chem_comp.name
_chem_comp.formula
EDO non-polymer 1,2-ETHANEDIOL 'C2 H6 O2'
SAH non-polymer S-ADENOSYL-L-HOMOCYSTEINE 'C14 H20 N6 O5 S'
#
# COMPACT_ATOMS: atom_id res chain seq x y z
N CYS A 6 1.61 0.08 22.67
CA CYS A 6 2.58 0.34 21.61
C CYS A 6 1.96 1.00 20.38
N THR A 7 2.29 2.28 20.17
CA THR A 7 1.64 3.08 19.13
C THR A 7 2.68 4.02 18.53
N VAL A 8 2.78 4.02 17.20
CA VAL A 8 3.71 4.89 16.48
C VAL A 8 2.95 6.08 15.89
N THR A 9 3.52 7.28 16.07
CA THR A 9 2.94 8.51 15.55
C THR A 9 3.81 9.02 14.39
N ILE A 10 3.20 9.15 13.21
CA ILE A 10 3.89 9.56 11.98
C ILE A 10 3.16 10.75 11.38
N GLU A 11 3.91 11.66 10.75
CA GLU A 11 3.35 12.78 10.02
C GLU A 11 3.23 12.41 8.54
N VAL A 12 2.03 12.55 7.98
CA VAL A 12 1.77 12.33 6.56
C VAL A 12 0.89 13.45 6.05
N LEU A 13 1.38 14.20 5.06
CA LEU A 13 0.63 15.32 4.48
C LEU A 13 0.27 16.36 5.55
N GLY A 14 1.19 16.58 6.49
CA GLY A 14 0.93 17.53 7.54
C GLY A 14 -0.06 17.07 8.59
N HIS A 15 -0.40 15.79 8.62
CA HIS A 15 -1.29 15.24 9.63
C HIS A 15 -0.53 14.24 10.52
N GLU A 16 -0.71 14.37 11.82
CA GLU A 16 -0.14 13.43 12.79
C GLU A 16 -1.08 12.25 12.93
N LEU A 17 -0.66 11.09 12.46
CA LEU A 17 -1.46 9.88 12.57
C LEU A 17 -0.88 8.95 13.62
N ASP A 18 -1.74 8.11 14.20
CA ASP A 18 -1.36 7.17 15.25
C ASP A 18 -1.71 5.78 14.77
N PHE A 19 -0.71 4.92 14.69
CA PHE A 19 -0.92 3.54 14.25
C PHE A 19 -0.61 2.62 15.41
N ALA A 20 -1.64 1.92 15.90
CA ALA A 20 -1.43 0.93 16.94
C ALA A 20 -0.60 -0.21 16.39
N GLN A 21 0.24 -0.79 17.24
CA GLN A 21 1.01 -1.96 16.90
C GLN A 21 0.78 -3.01 17.97
N ASP A 22 1.18 -4.24 17.68
CA ASP A 22 1.09 -5.36 18.63
C ASP A 22 2.42 -6.09 18.63
N PRO A 23 3.35 -5.71 19.49
CA PRO A 23 4.60 -6.48 19.61
C PRO A 23 4.42 -7.79 20.38
N ASN A 24 3.37 -7.89 21.20
CA ASN A 24 2.96 -9.14 21.82
C ASN A 24 2.60 -10.20 20.79
N SER A 25 2.41 -9.81 19.53
CA SER A 25 2.01 -10.70 18.46
C SER A 25 3.23 -11.20 17.70
N LYS A 26 3.16 -12.45 17.25
CA LYS A 26 4.16 -13.02 16.36
C LYS A 26 3.86 -12.71 14.90
N HIS A 27 2.74 -12.03 14.61
CA HIS A 27 2.33 -11.79 13.24
C HIS A 27 3.10 -10.61 12.66
N LEU A 28 3.70 -10.83 11.48
CA LEU A 28 4.52 -9.81 10.85
C LEU A 28 3.76 -8.51 10.65
N GLY A 29 2.48 -8.60 10.26
CA GLY A 29 1.69 -7.42 9.96
C GLY A 29 1.31 -6.57 11.16
N THR A 30 1.60 -7.01 12.38
CA THR A 30 1.23 -6.20 13.55
C THR A 30 2.25 -5.10 13.84
N THR A 31 3.29 -4.96 13.03
CA THR A 31 4.31 -3.96 13.19
CA THR A 31 4.29 -3.93 13.20
C THR A 31 4.40 -3.13 11.92
N VAL A 32 4.63 -1.82 12.06
CA VAL A 32 4.82 -0.96 10.89
C VAL A 32 6.22 -1.18 10.33
N TRP A 33 6.30 -1.50 9.04
CA TRP A 33 7.56 -1.74 8.36
C TRP A 33 8.01 -0.51 7.57
N ASP A 34 9.33 -0.36 7.42
CA ASP A 34 9.89 0.90 6.93
C ASP A 34 9.46 1.21 5.50
N ALA A 35 9.17 0.17 4.69
CA ALA A 35 8.75 0.41 3.32
C ALA A 35 7.41 1.14 3.25
N SER A 36 6.49 0.86 4.17
CA SER A 36 5.21 1.57 4.12
C SER A 36 5.42 3.07 4.38
N MET A 37 6.35 3.40 5.27
CA MET A 37 6.60 4.82 5.59
C MET A 37 7.35 5.52 4.46
N VAL A 38 8.30 4.81 3.82
CA VAL A 38 8.94 5.36 2.63
C VAL A 38 7.91 5.56 1.52
N PHE A 39 6.95 4.65 1.41
CA PHE A 39 5.90 4.84 0.41
C PHE A 39 5.02 6.05 0.74
N ALA A 40 4.60 6.17 2.00
CA ALA A 40 3.73 7.29 2.36
C ALA A 40 4.43 8.63 2.16
N LYS A 41 5.73 8.68 2.48
CA LYS A 41 6.47 9.92 2.32
C LYS A 41 6.74 10.23 0.86
N TYR A 42 6.92 9.19 0.04
CA TYR A 42 6.99 9.40 -1.42
C TYR A 42 5.72 10.05 -1.96
N LEU A 43 4.54 9.58 -1.51
CA LEU A 43 3.28 10.19 -1.97
C LEU A 43 3.19 11.64 -1.54
N GLY A 44 3.60 11.94 -0.31
CA GLY A 44 3.58 13.32 0.13
C GLY A 44 4.43 14.23 -0.74
N LYS A 45 5.47 13.69 -1.35
CA LYS A 45 6.34 14.51 -2.19
C LYS A 45 5.93 14.55 -3.65
N ASN A 46 5.00 13.71 -4.08
CA ASN A 46 4.64 13.69 -5.51
C ASN A 46 3.14 13.74 -5.68
N SER A 47 2.47 14.60 -4.90
CA SER A 47 1.03 14.70 -4.94
C SER A 47 0.55 16.05 -5.44
N ARG A 48 1.46 16.90 -5.94
CA ARG A 48 1.05 18.19 -6.46
C ARG A 48 0.69 18.15 -7.95
N LYS A 49 1.44 17.39 -8.73
CA LYS A 49 1.20 17.22 -10.15
C LYS A 49 1.34 15.74 -10.49
N GLY A 50 0.80 15.35 -11.63
CA GLY A 50 0.96 13.98 -12.07
C GLY A 50 -0.10 13.04 -11.52
N ARG A 51 0.19 11.74 -11.66
CA ARG A 51 -0.83 10.72 -11.45
C ARG A 51 -1.34 10.68 -10.02
N PHE A 52 -0.60 11.20 -9.05
CA PHE A 52 -1.08 11.19 -7.67
C PHE A 52 -1.63 12.55 -7.21
N SER A 53 -1.80 13.50 -8.12
CA SER A 53 -2.48 14.74 -7.80
C SER A 53 -3.99 14.49 -7.66
N SER A 54 -4.69 15.42 -7.01
CA SER A 54 -6.10 15.23 -6.65
CA SER A 54 -6.10 15.20 -6.66
C SER A 54 -6.98 15.05 -7.89
N SER A 55 -6.81 15.92 -8.91
CA SER A 55 -7.65 15.79 -10.10
C SER A 55 -7.38 14.49 -10.83
N LYS A 56 -6.13 14.04 -10.87
CA LYS A 56 -5.83 12.82 -11.61
C LYS A 56 -6.32 11.57 -10.88
N LEU A 57 -6.49 11.64 -9.55
CA LEU A 57 -7.03 10.54 -8.76
C LEU A 57 -8.55 10.54 -8.67
N LYS A 58 -9.24 11.54 -9.23
CA LYS A 58 -10.70 11.57 -9.20
C LYS A 58 -11.26 10.29 -9.83
N GLY A 59 -12.09 9.59 -9.07
CA GLY A 59 -12.68 8.35 -9.54
C GLY A 59 -11.78 7.13 -9.54
N LYS A 60 -10.52 7.25 -9.11
CA LYS A 60 -9.62 6.09 -9.09
C LYS A 60 -9.87 5.24 -7.84
N ARG A 61 -9.77 3.92 -8.01
CA ARG A 61 -9.88 2.95 -6.93
C ARG A 61 -8.57 2.19 -6.79
N ALA A 62 -8.13 2.04 -5.55
CA ALA A 62 -6.91 1.32 -5.24
C ALA A 62 -7.21 0.18 -4.26
N ILE A 63 -6.39 -0.89 -4.33
CA ILE A 63 -6.43 -1.98 -3.36
C ILE A 63 -5.02 -2.22 -2.84
N GLU A 64 -4.91 -2.29 -1.52
CA GLU A 64 -3.65 -2.57 -0.86
C GLU A 64 -3.62 -4.04 -0.42
N LEU A 65 -2.55 -4.72 -0.76
CA LEU A 65 -2.36 -6.10 -0.34
C LEU A 65 -1.36 -6.15 0.80
N GLY A 66 -1.66 -7.00 1.80
CA GLY A 66 -0.81 -7.17 2.98
C GLY A 66 -0.64 -5.86 3.73
N ALA A 67 -1.75 -5.15 3.98
CA ALA A 67 -1.64 -3.80 4.53
C ALA A 67 -1.06 -3.75 5.94
N GLY A 68 -1.16 -4.83 6.71
CA GLY A 68 -0.67 -4.81 8.09
C GLY A 68 -1.40 -3.75 8.90
N CYS A 69 -0.62 -2.84 9.50
CA CYS A 69 -1.17 -1.77 10.31
C CYS A 69 -1.85 -0.69 9.47
N GLY A 70 -1.55 -0.59 8.18
CA GLY A 70 -2.33 0.20 7.24
C GLY A 70 -1.75 1.51 6.74
N VAL A 71 -0.45 1.76 6.93
CA VAL A 71 0.11 3.09 6.64
C VAL A 71 -0.02 3.42 5.16
N ALA A 72 0.34 2.50 4.28
CA ALA A 72 0.48 2.85 2.87
C ALA A 72 -0.87 3.18 2.24
N GLY A 73 -1.88 2.34 2.44
CA GLY A 73 -3.18 2.64 1.88
C GLY A 73 -3.81 3.88 2.49
N PHE A 74 -3.54 4.15 3.77
CA PHE A 74 -4.10 5.35 4.39
C PHE A 74 -3.60 6.61 3.69
N ALA A 75 -2.28 6.67 3.45
CA ALA A 75 -1.70 7.81 2.75
C ALA A 75 -2.33 7.99 1.37
N LEU A 76 -2.52 6.89 0.63
CA LEU A 76 -3.09 7.00 -0.71
C LEU A 76 -4.51 7.52 -0.65
N ALA A 77 -5.30 7.03 0.32
CA ALA A 77 -6.65 7.57 0.49
C ALA A 77 -6.62 9.05 0.83
N MET A 78 -5.63 9.50 1.60
CA MET A 78 -5.52 10.92 1.93
C MET A 78 -5.38 11.78 0.69
N LEU A 79 -4.79 11.24 -0.37
CA LEU A 79 -4.60 11.99 -1.60
C LEU A 79 -5.85 12.11 -2.44
N GLY A 80 -6.95 11.45 -2.05
CA GLY A 80 -8.19 11.50 -2.79
C GLY A 80 -8.54 10.24 -3.56
N CYS A 81 -7.76 9.17 -3.41
CA CYS A 81 -8.07 7.89 -4.04
C CYS A 81 -8.99 7.07 -3.13
N ASP A 82 -9.96 6.39 -3.71
CA ASP A 82 -10.73 5.43 -2.92
C ASP A 82 -9.96 4.12 -2.79
N VAL A 83 -9.93 3.57 -1.57
CA VAL A 83 -8.99 2.52 -1.24
C VAL A 83 -9.70 1.39 -0.49
N VAL A 84 -9.48 0.16 -0.92
CA VAL A 84 -9.80 -1.04 -0.14
CA VAL A 84 -9.79 -1.02 -0.11
C VAL A 84 -8.47 -1.60 0.38
N THR A 85 -8.35 -1.72 1.70
CA THR A 85 -7.13 -2.20 2.34
C THR A 85 -7.38 -3.59 2.92
N THR A 86 -6.46 -4.52 2.64
CA THR A 86 -6.70 -5.93 2.94
C THR A 86 -5.51 -6.60 3.61
N ASP A 87 -5.82 -7.69 4.31
CA ASP A 87 -4.83 -8.56 4.93
C ASP A 87 -5.56 -9.85 5.33
N GLN A 88 -4.85 -10.73 6.03
CA GLN A 88 -5.49 -11.93 6.53
C GLN A 88 -6.28 -11.61 7.79
N LYS A 89 -7.21 -12.51 8.12
CA LYS A 89 -8.19 -12.27 9.19
C LYS A 89 -7.51 -11.84 10.49
N GLU A 90 -6.39 -12.46 10.82
CA GLU A 90 -5.74 -12.20 12.10
C GLU A 90 -5.25 -10.76 12.21
N VAL A 91 -4.87 -10.15 11.09
CA VAL A 91 -4.43 -8.77 11.09
C VAL A 91 -5.58 -7.76 11.02
N LEU A 92 -6.76 -8.17 10.56
CA LEU A 92 -7.81 -7.21 10.26
C LEU A 92 -8.27 -6.36 11.46
N PRO A 93 -8.42 -6.90 12.68
CA PRO A 93 -8.88 -6.04 13.78
C PRO A 93 -7.96 -4.85 14.07
N LEU A 94 -6.64 -5.04 14.01
CA LEU A 94 -5.73 -3.92 14.20
C LEU A 94 -5.80 -2.95 13.01
N LEU A 95 -5.89 -3.50 11.79
CA LEU A 95 -6.08 -2.67 10.61
C LEU A 95 -7.37 -1.86 10.70
N LYS A 96 -8.48 -2.51 11.06
CA LYS A 96 -9.74 -1.77 11.16
CA LYS A 96 -9.75 -1.79 11.18
C LYS A 96 -9.66 -0.70 12.25
N ARG A 97 -9.06 -1.02 13.39
CA ARG A 97 -8.86 -0.03 14.44
C ARG A 97 -8.07 1.17 13.94
N ASN A 98 -6.96 0.92 13.22
CA ASN A 98 -6.11 2.02 12.79
C ASN A 98 -6.78 2.88 11.73
N VAL A 99 -7.52 2.26 10.80
CA VAL A 99 -8.22 3.01 9.76
C VAL A 99 -9.25 3.94 10.38
N GLU A 100 -10.09 3.40 11.25
CA GLU A 100 -11.21 4.19 11.74
C GLU A 100 -10.74 5.26 12.71
N TRP A 101 -9.74 4.95 13.55
CA TRP A 101 -9.24 5.96 14.47
C TRP A 101 -8.64 7.14 13.72
N ASN A 102 -7.84 6.88 12.69
CA ASN A 102 -7.21 8.00 11.99
C ASN A 102 -8.16 8.67 10.99
N THR A 103 -9.12 7.93 10.42
CA THR A 103 -10.09 8.56 9.54
C THR A 103 -10.86 9.65 10.26
N SER A 104 -11.34 9.34 11.47
CA SER A 104 -12.08 10.35 12.23
C SER A 104 -11.19 11.52 12.61
N ARG A 105 -9.88 11.29 12.74
CA ARG A 105 -8.96 12.36 13.09
C ARG A 105 -8.80 13.36 11.96
N ILE A 106 -8.50 12.87 10.74
CA ILE A 106 -8.20 13.81 9.68
C ILE A 106 -9.47 14.53 9.20
N VAL A 107 -10.63 13.88 9.32
CA VAL A 107 -11.86 14.55 8.89
C VAL A 107 -12.29 15.62 9.89
N GLN A 108 -12.06 15.38 11.19
CA GLN A 108 -12.29 16.43 12.17
C GLN A 108 -11.26 17.54 12.04
N MET A 109 -10.05 17.19 11.57
CA MET A 109 -8.99 18.17 11.34
C MET A 109 -9.19 18.95 10.06
N ASN A 110 -9.87 18.36 9.07
CA ASN A 110 -10.13 19.01 7.79
C ASN A 110 -11.57 18.70 7.37
N PRO A 111 -12.55 19.39 7.95
CA PRO A 111 -13.95 19.04 7.65
C PRO A 111 -14.35 19.30 6.21
N GLY A 112 -13.84 20.36 5.58
CA GLY A 112 -14.22 20.66 4.21
C GLY A 112 -13.54 19.78 3.18
N SER A 113 -12.36 19.26 3.48
N SER A 113 -12.35 19.26 3.49
CA SER A 113 -11.62 18.49 2.49
CA SER A 113 -11.61 18.45 2.53
C SER A 113 -12.24 17.12 2.30
C SER A 113 -12.29 17.12 2.30
N ALA A 114 -12.10 16.59 1.09
CA ALA A 114 -12.69 15.32 0.68
C ALA A 114 -11.56 14.32 0.45
N PHE A 115 -11.40 13.40 1.39
CA PHE A 115 -10.46 12.31 1.27
C PHE A 115 -11.13 11.12 0.60
N GLY A 116 -10.30 10.26 0.02
CA GLY A 116 -10.83 9.03 -0.52
C GLY A 116 -11.39 8.12 0.56
N SER A 117 -12.32 7.26 0.14
CA SER A 117 -12.85 6.27 1.06
C SER A 117 -11.79 5.22 1.37
N LEU A 118 -11.97 4.53 2.49
CA LEU A 118 -11.00 3.52 2.92
C LEU A 118 -11.79 2.44 3.65
N ARG A 119 -11.97 1.27 3.03
CA ARG A 119 -12.69 0.16 3.64
CA ARG A 119 -12.69 0.16 3.63
C ARG A 119 -11.80 -1.06 3.75
N VAL A 120 -11.96 -1.79 4.85
CA VAL A 120 -11.13 -2.92 5.19
C VAL A 120 -11.80 -4.19 4.70
N ALA A 121 -11.04 -5.10 4.11
CA ALA A 121 -11.59 -6.37 3.67
C ALA A 121 -10.56 -7.47 3.84
N GLU A 122 -11.04 -8.69 3.98
CA GLU A 122 -10.17 -9.83 4.09
C GLU A 122 -9.74 -10.28 2.69
N LEU A 123 -8.45 -10.57 2.51
CA LEU A 123 -7.98 -11.08 1.23
C LEU A 123 -6.74 -11.94 1.45
N ASP A 124 -6.95 -13.27 1.53
CA ASP A 124 -5.86 -14.24 1.47
C ASP A 124 -5.35 -14.36 0.03
N TRP A 125 -4.05 -14.16 -0.19
CA TRP A 125 -3.55 -14.14 -1.56
C TRP A 125 -3.88 -15.46 -2.24
N GLY A 126 -4.40 -15.38 -3.46
CA GLY A 126 -4.77 -16.56 -4.21
C GLY A 126 -6.17 -17.06 -3.97
N ASN A 127 -6.89 -16.52 -2.99
CA ASN A 127 -8.26 -16.95 -2.70
C ASN A 127 -9.19 -16.24 -3.66
N GLU A 128 -9.68 -16.96 -4.69
CA GLU A 128 -10.51 -16.34 -5.73
C GLU A 128 -11.79 -15.74 -5.16
N ASP A 129 -12.31 -16.31 -4.07
CA ASP A 129 -13.53 -15.78 -3.49
C ASP A 129 -13.28 -14.43 -2.84
N HIS A 130 -12.15 -14.29 -2.13
CA HIS A 130 -11.78 -13.00 -1.56
C HIS A 130 -11.54 -11.96 -2.65
N ILE A 131 -10.88 -12.38 -3.73
CA ILE A 131 -10.57 -11.46 -4.81
C ILE A 131 -11.85 -10.99 -5.50
N THR A 132 -12.76 -11.91 -5.83
CA THR A 132 -14.02 -11.50 -6.44
C THR A 132 -14.78 -10.53 -5.55
N ALA A 133 -14.68 -10.71 -4.23
CA ALA A 133 -15.53 -9.97 -3.31
C ALA A 133 -15.12 -8.51 -3.13
N VAL A 134 -13.85 -8.17 -3.34
CA VAL A 134 -13.43 -6.77 -3.23
C VAL A 134 -13.75 -5.97 -4.48
N GLU A 135 -14.32 -6.60 -5.51
CA GLU A 135 -14.83 -6.01 -6.75
C GLU A 135 -13.73 -5.40 -7.62
N PRO A 136 -12.91 -6.24 -8.25
CA PRO A 136 -11.93 -5.74 -9.22
C PRO A 136 -12.62 -5.42 -10.54
N PRO A 137 -11.93 -4.77 -11.49
CA PRO A 137 -10.53 -4.34 -11.46
C PRO A 137 -10.28 -3.02 -10.72
N PHE A 138 -9.03 -2.81 -10.32
CA PHE A 138 -8.58 -1.60 -9.66
C PHE A 138 -7.61 -0.83 -10.55
N ASP A 139 -7.62 0.50 -10.39
CA ASP A 139 -6.66 1.36 -11.06
C ASP A 139 -5.27 1.20 -10.49
N TYR A 140 -5.17 1.00 -9.17
CA TYR A 140 -3.90 0.80 -8.47
C TYR A 140 -3.96 -0.44 -7.60
N VAL A 141 -2.88 -1.22 -7.62
CA VAL A 141 -2.65 -2.31 -6.69
C VAL A 141 -1.35 -1.99 -5.98
N ILE A 142 -1.40 -1.88 -4.66
CA ILE A 142 -0.22 -1.44 -3.93
C ILE A 142 0.12 -2.45 -2.83
N GLY A 143 1.38 -2.45 -2.46
CA GLY A 143 1.86 -3.36 -1.45
C GLY A 143 3.20 -2.86 -0.97
N THR A 144 3.44 -2.90 0.34
CA THR A 144 4.73 -2.48 0.88
C THR A 144 5.26 -3.57 1.79
N ASP A 145 6.52 -3.94 1.57
CA ASP A 145 7.21 -5.03 2.26
C ASP A 145 6.35 -6.28 2.31
N VAL A 146 5.82 -6.66 1.14
CA VAL A 146 5.06 -7.89 0.98
C VAL A 146 5.85 -8.96 0.25
N VAL A 147 7.10 -8.69 -0.13
CA VAL A 147 7.98 -9.68 -0.74
C VAL A 147 9.11 -9.94 0.23
N TYR A 148 9.20 -11.18 0.73
CA TYR A 148 10.25 -11.56 1.66
C TYR A 148 10.51 -13.06 1.67
N SER A 149 9.53 -13.87 1.29
CA SER A 149 9.65 -15.32 1.38
C SER A 149 9.34 -15.90 0.00
N GLU A 150 10.24 -16.75 -0.48
CA GLU A 150 10.12 -17.27 -1.85
C GLU A 150 8.75 -17.89 -2.11
N GLN A 151 8.22 -18.63 -1.12
CA GLN A 151 6.93 -19.28 -1.30
C GLN A 151 5.77 -18.31 -1.48
N LEU A 152 5.92 -17.02 -1.12
CA LEU A 152 4.83 -16.06 -1.26
C LEU A 152 4.90 -15.26 -2.56
N LEU A 153 5.91 -15.50 -3.40
CA LEU A 153 6.03 -14.72 -4.64
C LEU A 153 4.89 -15.05 -5.59
N GLU A 154 4.69 -16.32 -5.90
CA GLU A 154 3.63 -16.67 -6.84
C GLU A 154 2.23 -16.31 -6.35
N PRO A 155 1.84 -16.60 -5.09
CA PRO A 155 0.49 -16.18 -4.66
C PRO A 155 0.27 -14.68 -4.73
N LEU A 156 1.31 -13.87 -4.45
CA LEU A 156 1.19 -12.43 -4.57
C LEU A 156 1.04 -12.01 -6.03
N LEU A 157 1.88 -12.57 -6.90
CA LEU A 157 1.77 -12.30 -8.34
C LEU A 157 0.36 -12.62 -8.85
N ARG A 158 -0.14 -13.82 -8.56
CA ARG A 158 -1.45 -14.23 -9.05
C ARG A 158 -2.54 -13.29 -8.55
N THR A 159 -2.43 -12.84 -7.30
CA THR A 159 -3.40 -11.94 -6.72
C THR A 159 -3.38 -10.59 -7.44
N ILE A 160 -2.19 -10.02 -7.65
CA ILE A 160 -2.07 -8.72 -8.33
C ILE A 160 -2.72 -8.78 -9.70
N LEU A 161 -2.41 -9.81 -10.48
CA LEU A 161 -2.97 -9.93 -11.82
C LEU A 161 -4.49 -10.07 -11.78
N ALA A 162 -5.01 -10.86 -10.83
CA ALA A 162 -6.44 -11.08 -10.72
C ALA A 162 -7.20 -9.79 -10.41
N LEU A 163 -6.54 -8.84 -9.74
CA LEU A 163 -7.16 -7.58 -9.37
C LEU A 163 -6.95 -6.49 -10.40
N SER A 164 -6.22 -6.77 -11.47
CA SER A 164 -5.77 -5.77 -12.43
C SER A 164 -6.59 -5.81 -13.71
N GLY A 165 -6.56 -4.67 -14.42
CA GLY A 165 -6.99 -4.59 -15.78
C GLY A 165 -5.85 -4.02 -16.62
N PRO A 166 -6.07 -3.84 -17.92
CA PRO A 166 -4.98 -3.38 -18.79
C PRO A 166 -4.33 -2.07 -18.35
N LYS A 167 -5.07 -1.14 -17.76
CA LYS A 167 -4.51 0.15 -17.38
C LYS A 167 -4.09 0.22 -15.91
N THR A 168 -4.10 -0.91 -15.21
CA THR A 168 -3.75 -0.94 -13.79
C THR A 168 -2.26 -0.65 -13.57
N THR A 169 -1.96 0.20 -12.58
CA THR A 169 -0.60 0.46 -12.13
C THR A 169 -0.36 -0.26 -10.82
N VAL A 170 0.78 -0.96 -10.70
CA VAL A 170 1.20 -1.63 -9.47
C VAL A 170 2.32 -0.83 -8.83
N MET A 171 2.17 -0.54 -7.54
CA MET A 171 3.17 0.16 -6.76
C MET A 171 3.64 -0.76 -5.65
N LEU A 172 4.95 -0.98 -5.58
CA LEU A 172 5.51 -1.95 -4.64
C LEU A 172 6.62 -1.28 -3.84
N GLY A 173 6.42 -1.20 -2.52
CA GLY A 173 7.50 -0.85 -1.61
C GLY A 173 8.21 -2.11 -1.17
N TYR A 174 9.53 -2.11 -1.33
CA TYR A 174 10.30 -3.35 -1.20
C TYR A 174 11.58 -3.10 -0.43
N GLU A 175 11.94 -4.04 0.44
CA GLU A 175 13.20 -3.97 1.16
C GLU A 175 14.01 -5.21 0.82
N ILE A 176 15.21 -5.01 0.26
CA ILE A 176 16.04 -6.14 -0.14
C ILE A 176 16.53 -6.89 1.08
N ARG A 177 16.44 -8.22 1.02
CA ARG A 177 16.98 -9.05 2.10
C ARG A 177 17.84 -10.13 1.46
N SER A 178 17.29 -11.31 1.19
CA SER A 178 18.09 -12.35 0.54
C SER A 178 18.33 -12.00 -0.92
N THR A 179 19.58 -12.15 -1.39
CA THR A 179 19.85 -11.91 -2.81
C THR A 179 19.20 -12.96 -3.68
N VAL A 180 19.14 -14.20 -3.21
CA VAL A 180 18.47 -15.25 -3.98
C VAL A 180 17.02 -14.87 -4.25
N VAL A 181 16.30 -14.47 -3.20
CA VAL A 181 14.91 -14.06 -3.37
C VAL A 181 14.82 -12.82 -4.25
N HIS A 182 15.76 -11.89 -4.10
CA HIS A 182 15.73 -10.66 -4.90
C HIS A 182 15.74 -10.97 -6.39
N GLU A 183 16.62 -11.88 -6.82
CA GLU A 183 16.73 -12.20 -8.23
C GLU A 183 15.49 -12.94 -8.74
N LYS A 184 14.93 -13.84 -7.93
CA LYS A 184 13.69 -14.48 -8.32
C LYS A 184 12.56 -13.47 -8.47
N MET A 185 12.47 -12.53 -7.54
CA MET A 185 11.41 -11.53 -7.58
C MET A 185 11.55 -10.64 -8.80
N LEU A 186 12.76 -10.16 -9.07
CA LEU A 186 12.98 -9.27 -10.21
C LEU A 186 12.62 -9.97 -11.50
N GLN A 187 13.05 -11.22 -11.69
CA GLN A 187 12.72 -11.92 -12.92
C GLN A 187 11.21 -12.12 -13.04
N MET A 188 10.54 -12.42 -11.93
CA MET A 188 9.11 -12.60 -11.94
C MET A 188 8.38 -11.33 -12.41
N TRP A 189 8.69 -10.20 -11.78
CA TRP A 189 8.07 -8.94 -12.20
C TRP A 189 8.40 -8.63 -13.66
N LYS A 190 9.66 -8.85 -14.05
CA LYS A 190 10.03 -8.60 -15.44
C LYS A 190 9.28 -9.50 -16.41
N ASP A 191 8.95 -10.73 -16.00
CA ASP A 191 8.20 -11.64 -16.86
C ASP A 191 6.73 -11.23 -17.02
N ASN A 192 6.20 -10.42 -16.12
CA ASN A 192 4.76 -10.14 -16.06
C ASN A 192 4.40 -8.68 -16.22
N PHE A 193 5.35 -7.75 -16.08
CA PHE A 193 5.05 -6.33 -16.08
C PHE A 193 6.18 -5.59 -16.78
N GLU A 194 5.91 -4.31 -17.09
CA GLU A 194 6.93 -3.34 -17.43
C GLU A 194 7.28 -2.60 -16.14
N VAL A 195 8.52 -2.77 -15.66
CA VAL A 195 8.93 -2.37 -14.32
C VAL A 195 9.84 -1.15 -14.43
N LYS A 196 9.56 -0.14 -13.60
CA LYS A 196 10.47 0.98 -13.40
C LYS A 196 10.79 1.09 -11.91
N THR A 197 12.00 1.58 -11.62
CA THR A 197 12.49 1.70 -10.24
C THR A 197 12.55 3.18 -9.88
N ILE A 198 11.65 3.61 -9.00
CA ILE A 198 11.53 5.03 -8.66
C ILE A 198 12.84 5.51 -8.04
N PRO A 199 13.36 6.67 -8.42
CA PRO A 199 14.69 7.08 -7.98
C PRO A 199 14.67 7.68 -6.58
N ARG A 200 15.88 7.78 -6.01
CA ARG A 200 16.06 8.33 -4.67
C ARG A 200 15.50 9.75 -4.56
N SER A 201 15.70 10.56 -5.60
CA SER A 201 15.32 11.96 -5.54
C SER A 201 13.83 12.15 -5.31
N LYS A 202 13.00 11.23 -5.80
CA LYS A 202 11.56 11.34 -5.59
C LYS A 202 11.15 10.94 -4.18
N MET A 203 12.01 10.25 -3.45
CA MET A 203 11.75 9.88 -2.07
C MET A 203 12.30 10.95 -1.13
N ASP A 204 11.69 11.08 0.05
CA ASP A 204 12.08 12.13 0.99
C ASP A 204 13.50 11.92 1.49
N GLY A 205 14.15 13.02 1.86
CA GLY A 205 15.52 12.95 2.34
C GLY A 205 15.65 12.22 3.66
N GLU A 206 14.62 12.30 4.51
CA GLU A 206 14.68 11.66 5.82
C GLU A 206 14.22 10.20 5.77
N TYR A 207 13.19 9.89 4.99
CA TYR A 207 12.64 8.54 4.91
C TYR A 207 13.23 7.84 3.68
N GLN A 208 14.48 7.40 3.82
CA GLN A 208 15.21 6.80 2.72
C GLN A 208 16.46 6.09 3.23
N ASP A 209 16.42 4.78 3.24
CA ASP A 209 17.43 3.78 3.56
C ASP A 209 17.82 3.08 2.27
N PRO A 210 19.12 2.93 1.98
CA PRO A 210 19.54 2.32 0.70
C PRO A 210 18.88 0.99 0.36
N SER A 211 18.40 0.24 1.36
CA SER A 211 17.82 -1.08 1.12
C SER A 211 16.36 -1.05 0.70
N ILE A 212 15.71 0.11 0.72
CA ILE A 212 14.28 0.18 0.44
C ILE A 212 14.11 0.73 -0.95
N HIS A 213 13.36 0.02 -1.79
CA HIS A 213 13.14 0.43 -3.17
C HIS A 213 11.65 0.58 -3.42
N LEU A 214 11.29 1.46 -4.34
CA LEU A 214 9.92 1.59 -4.79
C LEU A 214 9.84 1.21 -6.27
N TYR A 215 9.01 0.23 -6.59
CA TYR A 215 8.80 -0.13 -7.98
C TYR A 215 7.43 0.34 -8.44
N ILE A 216 7.35 0.73 -9.70
CA ILE A 216 6.05 1.06 -10.29
C ILE A 216 5.98 0.33 -11.62
N MET A 217 4.91 -0.44 -11.80
CA MET A 217 4.86 -1.40 -12.88
C MET A 217 3.56 -1.23 -13.66
N ALA A 218 3.66 -1.21 -14.99
CA ALA A 218 2.48 -1.22 -15.84
C ALA A 218 2.25 -2.62 -16.37
N GLN A 219 1.02 -2.90 -16.77
CA GLN A 219 0.73 -4.21 -17.32
C GLN A 219 1.47 -4.39 -18.63
N LYS A 220 1.73 -5.65 -18.98
CA LYS A 220 2.51 -5.92 -20.19
C LYS A 220 1.63 -5.86 -21.43
N SER A 221 2.24 -5.46 -22.54
CA SER A 221 1.55 -5.34 -23.82
C SER A 221 0.72 -6.57 -24.18
N SAH B . 2.32 -3.51 4.39
CA SAH B . 2.62 -3.43 5.82
CB SAH B . 2.84 -4.84 6.40
CG SAH B . 3.87 -5.71 5.68
SD SAH B . 4.31 -7.18 6.66
C SAH B . 3.84 -2.56 6.07
O SAH B . 4.55 -2.23 5.12
OXT SAH B . 4.13 -2.21 7.21
C5' SAH B . 3.61 -8.35 5.46
C4' SAH B . 2.09 -8.36 5.44
O4' SAH B . 1.69 -9.24 4.40
C3' SAH B . 1.49 -8.89 6.74
O3' SAH B . 0.46 -8.05 7.22
C2' SAH B . 0.92 -10.24 6.35
O2' SAH B . -0.26 -10.53 7.05
C1' SAH B . 0.64 -10.05 4.87
N9 SAH B . 0.62 -11.36 4.21
C8 SAH B . 1.60 -12.30 4.17
N7 SAH B . 1.15 -13.38 3.48
C5 SAH B . -0.12 -13.12 3.10
C6 SAH B . -1.07 -13.85 2.38
N6 SAH B . -0.77 -15.07 1.92
N1 SAH B . -2.30 -13.29 2.15
C2 SAH B . -2.62 -12.05 2.63
N3 SAH B . -1.69 -11.33 3.34
C4 SAH B . -0.47 -11.86 3.56
C1 EDO C . -9.52 -18.68 5.35
O1 EDO C . -8.38 -18.04 5.94
C2 EDO C . -10.76 -17.82 5.61
O2 EDO C . -11.00 -17.74 7.01
#